data_8P29
#
_entry.id   8P29
#
_cell.length_a   121.842
_cell.length_b   61.652
_cell.length_c   80.018
_cell.angle_alpha   90.00
_cell.angle_beta   117.51
_cell.angle_gamma   90.00
#
_symmetry.space_group_name_H-M   'C 1 2 1'
#
loop_
_entity.id
_entity.type
_entity.pdbx_description
1 polymer 'Transcriptional enhancer factor TEF-4'
2 non-polymer 'MYRISTIC ACID'
3 non-polymer GLYCEROL
4 non-polymer '5-methyl-2-[(3-phenylmethoxyphenyl)amino]benzoic acid'
5 water water
#
_entity_poly.entity_id   1
_entity_poly.type   'polypeptide(L)'
_entity_poly.pdbx_seq_one_letter_code
;MAWQARGLGTARLQLVEFSAFVEPPDAVDSYQRHLFVHISQHCPSPGAPPLESVDVRQIYDKFPEKKGGLRELYDRGPPH
AFFLVKFWADLNWGPSGEEAGAGGSISSGGFYGVSSQYESLEHMTLTCSSKVCSFGKQVVEKVETERAQLEDGRFVYRLL
RSPMCEYLVNFLHKLRQLPERYMMNSVLENFTILQVVTNRDTQELLLCTAYVFEVSTSERGAQHHIYRLVRDVEHHHHHH
;
_entity_poly.pdbx_strand_id   B,A
#
# COMPACT_ATOMS: atom_id res chain seq x y z
N ALA A 5 24.76 11.19 10.51
CA ALA A 5 24.13 9.89 10.79
C ALA A 5 25.16 8.77 10.80
N ARG A 6 25.10 7.91 11.83
CA ARG A 6 25.96 6.74 11.92
C ARG A 6 25.21 5.44 11.67
N GLY A 7 23.93 5.52 11.30
CA GLY A 7 23.12 4.36 10.97
C GLY A 7 21.87 4.84 10.27
N LEU A 8 21.01 3.90 9.92
CA LEU A 8 19.77 4.24 9.21
C LEU A 8 18.76 4.78 10.22
N GLY A 9 18.68 6.09 10.34
CA GLY A 9 17.68 6.70 11.20
C GLY A 9 18.02 8.14 11.45
N THR A 10 17.09 8.81 12.10
CA THR A 10 17.26 10.18 12.56
C THR A 10 17.00 10.22 14.07
N ALA A 11 17.16 11.40 14.67
CA ALA A 11 16.76 11.55 16.05
C ALA A 11 15.26 11.33 16.24
N ARG A 12 14.47 11.38 15.16
CA ARG A 12 13.03 11.20 15.33
C ARG A 12 12.57 9.76 15.17
N LEU A 13 13.26 8.99 14.34
CA LEU A 13 12.81 7.63 14.03
C LEU A 13 13.99 6.81 13.56
N GLN A 14 14.25 5.70 14.24
CA GLN A 14 15.38 4.84 13.95
C GLN A 14 14.87 3.49 13.49
N LEU A 15 15.49 2.96 12.43
CA LEU A 15 15.24 1.58 12.07
C LEU A 15 15.98 0.68 13.07
N VAL A 16 15.26 -0.28 13.62
CA VAL A 16 15.86 -1.25 14.54
C VAL A 16 16.26 -2.52 13.80
N GLU A 17 15.33 -3.10 13.07
CA GLU A 17 15.60 -4.33 12.35
C GLU A 17 14.71 -4.37 11.13
N PHE A 18 15.25 -4.91 10.04
CA PHE A 18 14.48 -5.11 8.82
C PHE A 18 14.91 -6.40 8.16
N SER A 19 13.95 -7.17 7.66
CA SER A 19 14.35 -8.40 7.00
C SER A 19 13.22 -8.88 6.09
N ALA A 20 13.62 -9.63 5.07
CA ALA A 20 12.71 -10.34 4.18
C ALA A 20 13.16 -11.79 4.16
N PHE A 21 12.22 -12.73 4.23
CA PHE A 21 12.63 -14.09 4.53
C PHE A 21 11.62 -15.08 4.00
N VAL A 22 12.01 -16.35 3.99
CA VAL A 22 11.09 -17.43 3.68
C VAL A 22 11.29 -18.54 4.70
N GLU A 23 10.19 -19.03 5.26
CA GLU A 23 10.23 -20.22 6.09
C GLU A 23 9.71 -21.38 5.27
N PRO A 24 10.45 -22.49 5.14
CA PRO A 24 9.95 -23.62 4.34
C PRO A 24 8.78 -24.28 5.04
N PRO A 25 7.95 -25.02 4.30
CA PRO A 25 6.83 -25.74 4.95
C PRO A 25 7.26 -26.55 6.15
N ASP A 26 8.45 -27.16 6.10
CA ASP A 26 8.97 -27.95 7.20
C ASP A 26 9.08 -27.16 8.50
N ALA A 27 9.11 -25.82 8.43
CA ALA A 27 9.42 -25.01 9.60
C ALA A 27 8.55 -25.37 10.81
N VAL A 28 7.31 -25.82 10.55
CA VAL A 28 6.44 -26.30 11.62
C VAL A 28 7.09 -27.44 12.40
N ASP A 29 7.91 -28.24 11.73
CA ASP A 29 8.54 -29.41 12.35
C ASP A 29 9.86 -29.07 13.04
N SER A 30 10.80 -28.46 12.31
CA SER A 30 12.03 -27.93 12.89
C SER A 30 12.22 -26.53 12.33
N TYR A 31 12.10 -25.52 13.19
CA TYR A 31 12.02 -24.15 12.69
C TYR A 31 13.30 -23.73 11.97
N GLN A 32 13.11 -22.91 10.93
CA GLN A 32 14.24 -22.35 10.18
C GLN A 32 13.68 -21.30 9.23
N ARG A 33 14.43 -20.22 8.99
CA ARG A 33 14.10 -19.26 7.97
C ARG A 33 15.37 -18.86 7.23
N HIS A 34 15.19 -18.57 5.94
CA HIS A 34 16.24 -18.06 5.06
C HIS A 34 16.04 -16.58 4.88
N LEU A 35 17.08 -15.80 5.15
CA LEU A 35 17.04 -14.34 5.01
C LEU A 35 17.51 -13.98 3.61
N PHE A 36 16.63 -13.34 2.83
CA PHE A 36 17.07 -12.80 1.55
C PHE A 36 17.95 -11.57 1.76
N VAL A 37 17.47 -10.66 2.61
CA VAL A 37 18.15 -9.43 3.00
C VAL A 37 17.82 -9.17 4.47
N HIS A 38 18.65 -8.36 5.13
CA HIS A 38 18.50 -8.21 6.57
C HIS A 38 19.36 -7.08 7.15
N ILE A 39 18.73 -6.11 7.82
CA ILE A 39 19.44 -5.05 8.53
C ILE A 39 19.11 -5.19 10.01
N SER A 40 20.13 -5.13 10.86
CA SER A 40 19.96 -5.21 12.31
C SER A 40 20.79 -4.10 12.96
N GLN A 41 20.13 -3.17 13.62
CA GLN A 41 20.81 -2.05 14.27
C GLN A 41 20.61 -2.07 15.79
N HIS A 42 20.51 -3.26 16.37
CA HIS A 42 20.45 -3.41 17.83
C HIS A 42 21.81 -3.05 18.44
N CYS A 43 22.14 -1.76 18.46
CA CYS A 43 23.39 -1.23 18.97
C CYS A 43 23.48 0.27 18.71
N PRO A 44 24.40 0.97 19.38
CA PRO A 44 24.67 2.39 19.17
C PRO A 44 25.84 2.63 18.22
N PRO A 49 31.91 6.67 13.58
CA PRO A 49 32.13 6.89 12.14
C PRO A 49 30.83 7.22 11.39
N PRO A 50 30.80 8.37 10.71
CA PRO A 50 29.60 8.73 9.94
C PRO A 50 29.50 7.90 8.68
N LEU A 51 28.26 7.71 8.22
CA LEU A 51 28.05 6.93 7.02
C LEU A 51 28.69 7.61 5.82
N GLU A 52 28.93 6.83 4.78
CA GLU A 52 29.33 7.41 3.52
C GLU A 52 28.13 8.08 2.86
N SER A 53 28.40 8.92 1.86
CA SER A 53 27.37 9.73 1.23
C SER A 53 27.31 9.44 -0.27
N VAL A 54 26.12 9.64 -0.85
CA VAL A 54 25.89 9.46 -2.28
C VAL A 54 25.00 10.60 -2.74
N ASP A 55 25.34 11.27 -3.84
CA ASP A 55 24.48 12.37 -4.23
C ASP A 55 23.20 11.80 -4.82
N VAL A 56 22.05 12.25 -4.30
CA VAL A 56 20.75 11.71 -4.69
C VAL A 56 20.52 11.84 -6.18
N ARG A 57 21.10 12.86 -6.82
CA ARG A 57 20.80 13.11 -8.23
C ARG A 57 21.21 11.94 -9.11
N GLN A 58 22.23 11.18 -8.69
CA GLN A 58 22.70 10.01 -9.45
C GLN A 58 21.68 8.86 -9.48
N ILE A 59 20.72 8.84 -8.57
CA ILE A 59 19.72 7.76 -8.54
C ILE A 59 18.32 8.25 -8.87
N TYR A 60 18.18 9.51 -9.30
CA TYR A 60 16.87 10.04 -9.65
C TYR A 60 16.12 9.10 -10.60
N ASP A 61 16.76 8.74 -11.71
CA ASP A 61 16.07 8.00 -12.77
C ASP A 61 15.66 6.59 -12.36
N LYS A 62 16.21 6.06 -11.28
CA LYS A 62 15.90 4.70 -10.85
C LYS A 62 14.60 4.62 -10.05
N PHE A 63 13.92 5.74 -9.84
CA PHE A 63 12.68 5.76 -9.08
C PHE A 63 11.64 6.61 -9.81
N PRO A 64 10.37 6.55 -9.40
CA PRO A 64 9.30 7.16 -10.21
C PRO A 64 9.48 8.66 -10.36
N GLU A 65 8.64 9.23 -11.21
CA GLU A 65 8.60 10.67 -11.44
C GLU A 65 7.24 11.24 -11.05
N LYS A 66 7.21 12.55 -10.89
CA LYS A 66 6.07 13.25 -10.30
C LYS A 66 5.89 12.82 -8.84
N LYS A 67 4.67 12.96 -8.32
CA LYS A 67 4.40 12.73 -6.90
C LYS A 67 4.93 11.38 -6.43
N GLY A 68 5.69 11.41 -5.35
CA GLY A 68 6.27 10.20 -4.81
C GLY A 68 7.62 9.84 -5.37
N GLY A 69 8.18 10.66 -6.28
CA GLY A 69 9.51 10.44 -6.77
C GLY A 69 10.57 11.04 -5.86
N LEU A 70 11.81 10.54 -6.00
CA LEU A 70 12.89 10.97 -5.11
C LEU A 70 13.10 12.46 -5.14
N ARG A 71 13.06 13.06 -6.34
CA ARG A 71 13.37 14.48 -6.43
C ARG A 71 12.32 15.33 -5.74
N GLU A 72 11.05 14.99 -5.89
CA GLU A 72 10.02 15.77 -5.22
C GLU A 72 10.01 15.46 -3.73
N LEU A 73 10.38 14.23 -3.35
CA LEU A 73 10.47 13.89 -1.93
C LEU A 73 11.62 14.64 -1.27
N TYR A 74 12.81 14.56 -1.87
CA TYR A 74 13.95 15.29 -1.32
C TYR A 74 13.66 16.78 -1.25
N ASP A 75 12.99 17.33 -2.26
CA ASP A 75 12.72 18.77 -2.26
C ASP A 75 11.82 19.15 -1.09
N ARG A 76 10.88 18.28 -0.74
CA ARG A 76 9.99 18.56 0.38
C ARG A 76 10.70 18.37 1.73
N GLY A 77 11.74 17.53 1.77
CA GLY A 77 12.59 17.43 2.94
C GLY A 77 11.97 16.63 4.06
N PRO A 78 12.67 16.55 5.19
CA PRO A 78 13.99 17.13 5.46
C PRO A 78 15.10 16.31 4.87
N PRO A 79 16.17 16.96 4.39
CA PRO A 79 17.25 16.21 3.71
C PRO A 79 17.95 15.17 4.57
N HIS A 80 18.01 15.35 5.90
CA HIS A 80 18.77 14.38 6.67
C HIS A 80 18.08 13.03 6.78
N ALA A 81 16.82 12.93 6.35
CA ALA A 81 16.05 11.71 6.51
C ALA A 81 16.18 10.73 5.34
N PHE A 82 17.09 10.97 4.39
CA PHE A 82 17.17 10.19 3.16
C PHE A 82 18.40 9.29 3.17
N PHE A 83 18.17 7.99 2.89
CA PHE A 83 19.23 6.99 2.90
C PHE A 83 19.14 6.13 1.65
N LEU A 84 20.27 5.55 1.29
CA LEU A 84 20.37 4.55 0.22
C LEU A 84 20.94 3.28 0.84
N VAL A 85 20.30 2.15 0.58
CA VAL A 85 20.79 0.86 1.05
C VAL A 85 21.08 0.01 -0.17
N LYS A 86 22.31 -0.50 -0.27
CA LYS A 86 22.67 -1.51 -1.25
C LYS A 86 22.59 -2.87 -0.57
N PHE A 87 21.77 -3.75 -1.10
CA PHE A 87 21.70 -5.13 -0.65
C PHE A 87 22.40 -6.04 -1.66
N TRP A 88 23.22 -6.95 -1.15
CA TRP A 88 23.56 -8.18 -1.85
C TRP A 88 22.63 -9.25 -1.30
N ALA A 89 21.60 -9.58 -2.06
CA ALA A 89 20.58 -10.52 -1.63
C ALA A 89 21.07 -11.96 -1.78
N ASP A 90 20.65 -12.81 -0.85
CA ASP A 90 20.97 -14.22 -0.87
C ASP A 90 19.78 -14.97 -1.46
N LEU A 91 19.89 -15.43 -2.71
CA LEU A 91 18.81 -16.15 -3.36
C LEU A 91 19.09 -17.66 -3.42
N ASN A 92 19.68 -18.22 -2.37
CA ASN A 92 19.98 -19.66 -2.34
C ASN A 92 19.20 -20.31 -1.20
N TRP A 93 18.08 -20.94 -1.53
CA TRP A 93 17.27 -21.58 -0.48
C TRP A 93 16.47 -22.79 -0.97
N SER A 107 12.25 -25.62 -3.74
CA SER A 107 11.38 -25.09 -2.70
C SER A 107 10.13 -24.43 -3.30
N SER A 108 8.96 -24.83 -2.81
CA SER A 108 7.67 -24.43 -3.39
C SER A 108 6.81 -23.58 -2.45
N GLY A 109 6.08 -24.22 -1.54
CA GLY A 109 5.03 -23.55 -0.81
C GLY A 109 5.35 -23.14 0.61
N GLY A 110 6.41 -22.35 0.79
CA GLY A 110 6.75 -21.79 2.09
C GLY A 110 6.13 -20.41 2.30
N PHE A 111 6.37 -19.86 3.48
CA PHE A 111 5.84 -18.55 3.84
C PHE A 111 6.90 -17.50 3.57
N TYR A 112 6.56 -16.52 2.71
CA TYR A 112 7.44 -15.38 2.41
C TYR A 112 6.97 -14.15 3.16
N GLY A 113 7.89 -13.52 3.88
CA GLY A 113 7.50 -12.48 4.81
C GLY A 113 8.52 -11.38 4.90
N VAL A 114 8.05 -10.22 5.34
CA VAL A 114 8.84 -9.03 5.57
C VAL A 114 8.53 -8.54 6.98
N SER A 115 9.55 -8.10 7.69
CA SER A 115 9.39 -7.66 9.08
C SER A 115 10.19 -6.39 9.27
N SER A 116 9.57 -5.37 9.86
CA SER A 116 10.23 -4.10 10.13
C SER A 116 9.91 -3.66 11.56
N GLN A 117 10.85 -2.94 12.15
CA GLN A 117 10.66 -2.40 13.50
C GLN A 117 11.44 -1.09 13.60
N TYR A 118 10.77 -0.06 14.10
CA TYR A 118 11.36 1.25 14.32
C TYR A 118 11.19 1.65 15.77
N GLU A 119 11.99 2.63 16.20
CA GLU A 119 11.83 3.23 17.52
C GLU A 119 11.92 4.75 17.41
N SER A 120 11.27 5.44 18.36
CA SER A 120 11.45 6.88 18.53
C SER A 120 11.17 7.24 19.97
N LEU A 121 11.61 8.44 20.35
CA LEU A 121 11.27 9.02 21.64
C LEU A 121 9.84 9.54 21.67
N GLU A 122 9.30 9.85 20.49
CA GLU A 122 7.98 10.46 20.30
C GLU A 122 6.93 9.38 20.10
N HIS A 123 5.74 9.60 20.68
CA HIS A 123 4.57 8.77 20.39
C HIS A 123 3.91 9.28 19.11
N MET A 124 3.77 8.41 18.10
CA MET A 124 3.28 8.81 16.79
C MET A 124 2.48 7.65 16.21
N THR A 125 1.71 7.96 15.16
CA THR A 125 1.16 6.92 14.29
C THR A 125 1.89 7.05 12.96
N LEU A 126 2.51 5.97 12.50
CA LEU A 126 3.33 5.97 11.29
C LEU A 126 2.53 5.48 10.09
N THR A 127 2.78 6.07 8.93
CA THR A 127 2.37 5.48 7.65
C THR A 127 3.63 5.07 6.88
N CYS A 128 3.74 3.78 6.55
CA CYS A 128 4.88 3.25 5.83
CA CYS A 128 4.88 3.27 5.81
C CYS A 128 4.42 2.84 4.43
N SER A 129 4.97 3.49 3.42
CA SER A 129 4.68 3.17 2.02
C SER A 129 5.91 2.55 1.39
N SER A 130 5.73 1.39 0.76
CA SER A 130 6.79 0.66 0.06
C SER A 130 6.41 0.58 -1.42
N LYS A 131 7.28 1.08 -2.29
CA LYS A 131 7.06 1.15 -3.73
C LYS A 131 8.09 0.28 -4.44
N VAL A 132 7.63 -0.73 -5.16
CA VAL A 132 8.49 -1.51 -6.04
C VAL A 132 8.51 -0.83 -7.41
N CYS A 133 9.71 -0.61 -7.94
CA CYS A 133 9.86 0.04 -9.23
C CYS A 133 10.67 -0.84 -10.19
N SER A 134 10.25 -0.84 -11.47
CA SER A 134 10.96 -1.57 -12.50
C SER A 134 11.29 -0.60 -13.63
N PHE A 135 12.57 -0.47 -13.94
CA PHE A 135 13.07 0.53 -14.87
C PHE A 135 12.66 1.93 -14.42
N GLY A 136 12.64 2.14 -13.11
CA GLY A 136 12.30 3.43 -12.54
C GLY A 136 10.81 3.75 -12.50
N LYS A 137 9.95 2.87 -13.01
CA LYS A 137 8.50 3.08 -12.98
C LYS A 137 7.88 2.24 -11.87
N GLN A 138 7.00 2.86 -11.11
CA GLN A 138 6.41 2.16 -9.98
C GLN A 138 5.53 1.03 -10.47
N VAL A 139 5.77 -0.18 -9.96
CA VAL A 139 5.06 -1.36 -10.41
C VAL A 139 4.00 -1.79 -9.39
N VAL A 140 4.33 -1.76 -8.11
CA VAL A 140 3.36 -2.06 -7.06
C VAL A 140 3.65 -1.16 -5.87
N GLU A 141 2.64 -0.98 -5.03
CA GLU A 141 2.78 -0.18 -3.81
C GLU A 141 2.01 -0.85 -2.68
N LYS A 142 2.58 -0.76 -1.47
CA LYS A 142 1.92 -1.24 -0.27
C LYS A 142 1.99 -0.13 0.77
N VAL A 143 0.85 0.23 1.35
CA VAL A 143 0.78 1.28 2.36
C VAL A 143 0.20 0.69 3.64
N GLU A 144 0.86 0.96 4.77
CA GLU A 144 0.49 0.41 6.06
C GLU A 144 0.64 1.49 7.13
N THR A 145 -0.20 1.43 8.16
CA THR A 145 -0.09 2.34 9.29
C THR A 145 0.21 1.55 10.55
N GLU A 146 0.96 2.15 11.47
CA GLU A 146 1.28 1.45 12.70
C GLU A 146 1.42 2.44 13.84
N ARG A 147 0.68 2.19 14.90
CA ARG A 147 0.65 3.04 16.07
C ARG A 147 1.73 2.66 17.06
N ALA A 148 2.27 3.67 17.75
CA ALA A 148 3.32 3.47 18.74
C ALA A 148 2.87 2.60 19.90
N GLN A 149 3.78 1.73 20.35
CA GLN A 149 3.64 1.00 21.60
C GLN A 149 4.74 1.45 22.56
N LEU A 150 4.35 1.81 23.78
CA LEU A 150 5.21 2.48 24.75
C LEU A 150 5.91 1.43 25.60
N GLU A 151 7.19 1.19 25.32
CA GLU A 151 7.92 0.10 25.99
C GLU A 151 9.35 0.54 26.32
N ASP A 152 9.58 0.90 27.59
CA ASP A 152 10.92 1.11 28.15
C ASP A 152 11.38 2.55 27.94
N GLY A 153 10.47 3.50 28.20
CA GLY A 153 10.77 4.90 28.00
C GLY A 153 10.62 5.35 26.55
N ARG A 154 10.92 4.47 25.59
CA ARG A 154 10.81 4.81 24.18
C ARG A 154 9.64 4.07 23.55
N PHE A 155 9.28 4.49 22.34
CA PHE A 155 8.15 3.92 21.63
C PHE A 155 8.63 3.00 20.54
N VAL A 156 7.95 1.87 20.40
CA VAL A 156 8.30 0.88 19.38
C VAL A 156 7.16 0.74 18.38
N TYR A 157 7.52 0.56 17.11
CA TYR A 157 6.60 0.33 16.00
C TYR A 157 6.97 -1.00 15.37
N ARG A 158 6.02 -1.93 15.36
CA ARG A 158 6.27 -3.31 14.98
C ARG A 158 5.40 -3.63 13.77
N LEU A 159 6.02 -3.84 12.62
CA LEU A 159 5.31 -4.32 11.44
C LEU A 159 5.93 -5.67 11.10
N LEU A 160 5.56 -6.70 11.86
CA LEU A 160 6.24 -8.00 11.79
C LEU A 160 5.46 -8.98 10.93
N ARG A 161 6.20 -9.84 10.21
CA ARG A 161 5.63 -10.97 9.48
C ARG A 161 4.54 -10.56 8.47
N SER A 162 4.70 -9.41 7.83
CA SER A 162 3.85 -9.06 6.69
C SER A 162 4.05 -10.07 5.57
N PRO A 163 2.98 -10.67 5.05
CA PRO A 163 3.15 -11.56 3.90
C PRO A 163 3.73 -10.80 2.72
N MET A 164 4.77 -11.37 2.11
CA MET A 164 5.33 -10.77 0.89
C MET A 164 4.27 -10.75 -0.21
N CYS A 165 4.19 -9.63 -0.89
CA CYS A 165 3.23 -9.52 -1.98
CA CYS A 165 3.24 -9.50 -2.00
C CYS A 165 3.59 -10.49 -3.11
N GLU A 166 2.57 -10.90 -3.86
CA GLU A 166 2.71 -11.98 -4.81
CA GLU A 166 2.71 -11.99 -4.81
C GLU A 166 3.65 -11.65 -5.95
N TYR A 167 3.67 -10.38 -6.40
CA TYR A 167 4.60 -10.01 -7.47
C TYR A 167 6.01 -10.37 -7.04
N LEU A 168 6.35 -10.07 -5.79
CA LEU A 168 7.72 -10.23 -5.32
C LEU A 168 8.06 -11.70 -5.15
N VAL A 169 7.14 -12.50 -4.62
CA VAL A 169 7.41 -13.93 -4.49
C VAL A 169 7.63 -14.55 -5.88
N ASN A 170 6.77 -14.21 -6.84
CA ASN A 170 6.93 -14.72 -8.20
C ASN A 170 8.25 -14.25 -8.80
N PHE A 171 8.58 -12.97 -8.63
CA PHE A 171 9.86 -12.44 -9.11
C PHE A 171 11.03 -13.23 -8.55
N LEU A 172 11.00 -13.48 -7.24
CA LEU A 172 12.08 -14.21 -6.59
C LEU A 172 12.23 -15.60 -7.18
N HIS A 173 11.11 -16.29 -7.39
CA HIS A 173 11.20 -17.65 -7.92
C HIS A 173 11.78 -17.66 -9.33
N LYS A 174 11.42 -16.67 -10.15
CA LYS A 174 11.99 -16.60 -11.49
C LYS A 174 13.48 -16.29 -11.42
N LEU A 175 13.84 -15.21 -10.72
CA LEU A 175 15.22 -14.78 -10.57
C LEU A 175 16.14 -15.94 -10.16
N ARG A 176 15.72 -16.71 -9.15
CA ARG A 176 16.61 -17.75 -8.63
C ARG A 176 16.95 -18.80 -9.68
N GLN A 177 16.14 -18.91 -10.72
CA GLN A 177 16.34 -19.93 -11.76
CA GLN A 177 16.36 -19.94 -11.74
C GLN A 177 17.22 -19.45 -12.91
N LEU A 178 17.65 -18.19 -12.91
CA LEU A 178 18.49 -17.68 -13.99
C LEU A 178 19.83 -18.41 -14.02
N PRO A 179 20.36 -18.74 -15.21
CA PRO A 179 21.55 -19.61 -15.26
C PRO A 179 22.83 -18.97 -14.78
N GLU A 180 22.91 -17.65 -14.61
CA GLU A 180 24.18 -17.02 -14.30
C GLU A 180 23.95 -15.85 -13.36
N ARG A 181 24.85 -15.70 -12.39
CA ARG A 181 24.76 -14.57 -11.47
C ARG A 181 24.80 -13.25 -12.22
N TYR A 182 25.60 -13.16 -13.28
CA TYR A 182 25.68 -11.86 -13.94
C TYR A 182 24.36 -11.48 -14.58
N MET A 183 23.58 -12.44 -15.08
CA MET A 183 22.25 -12.09 -15.56
C MET A 183 21.28 -11.72 -14.43
N MET A 184 21.42 -12.32 -13.25
CA MET A 184 20.58 -11.87 -12.13
C MET A 184 20.93 -10.43 -11.79
N ASN A 185 22.20 -10.08 -11.81
CA ASN A 185 22.62 -8.71 -11.54
C ASN A 185 22.12 -7.74 -12.61
N SER A 186 22.19 -8.13 -13.91
CA SER A 186 21.64 -7.28 -14.95
C SER A 186 20.15 -7.03 -14.73
N VAL A 187 19.38 -8.08 -14.41
CA VAL A 187 17.95 -7.89 -14.16
C VAL A 187 17.74 -7.00 -12.92
N LEU A 188 18.46 -7.31 -11.85
CA LEU A 188 18.32 -6.52 -10.61
C LEU A 188 18.74 -5.08 -10.80
N GLU A 189 19.62 -4.81 -11.76
CA GLU A 189 20.01 -3.45 -12.06
C GLU A 189 18.80 -2.55 -12.32
N ASN A 190 17.70 -3.12 -12.78
CA ASN A 190 16.53 -2.33 -13.15
C ASN A 190 15.39 -2.44 -12.13
N PHE A 191 15.68 -2.97 -10.94
CA PHE A 191 14.64 -3.23 -9.93
C PHE A 191 15.05 -2.49 -8.66
N THR A 192 14.19 -1.60 -8.18
CA THR A 192 14.47 -0.84 -6.98
C THR A 192 13.24 -0.81 -6.06
N ILE A 193 13.46 -0.44 -4.81
CA ILE A 193 12.39 -0.29 -3.83
C ILE A 193 12.61 1.03 -3.10
N LEU A 194 11.54 1.82 -2.97
CA LEU A 194 11.55 3.08 -2.25
C LEU A 194 10.61 2.97 -1.05
N GLN A 195 11.11 3.27 0.15
CA GLN A 195 10.30 3.25 1.37
C GLN A 195 10.18 4.65 1.94
N VAL A 196 8.96 5.12 2.13
CA VAL A 196 8.71 6.43 2.74
C VAL A 196 7.91 6.21 4.02
N VAL A 197 8.48 6.61 5.16
CA VAL A 197 7.81 6.59 6.45
C VAL A 197 7.46 8.02 6.85
N THR A 198 6.16 8.28 7.09
CA THR A 198 5.70 9.61 7.45
C THR A 198 4.86 9.54 8.73
N ASN A 199 4.81 10.68 9.41
CA ASN A 199 3.92 10.87 10.53
C ASN A 199 2.49 10.96 10.00
N ARG A 200 1.68 9.93 10.24
CA ARG A 200 0.35 9.88 9.62
C ARG A 200 -0.50 11.09 9.98
N ASP A 201 -0.24 11.75 11.11
CA ASP A 201 -1.10 12.84 11.53
C ASP A 201 -0.64 14.19 10.97
N THR A 202 0.67 14.41 10.86
CA THR A 202 1.21 15.68 10.42
C THR A 202 1.69 15.65 8.98
N GLN A 203 1.70 14.49 8.33
CA GLN A 203 2.24 14.34 6.98
C GLN A 203 3.74 14.57 6.91
N GLU A 204 4.41 14.84 8.03
CA GLU A 204 5.86 15.00 8.00
C GLU A 204 6.53 13.69 7.59
N LEU A 205 7.46 13.79 6.64
CA LEU A 205 8.33 12.67 6.33
C LEU A 205 9.30 12.44 7.48
N LEU A 206 9.44 11.18 7.88
CA LEU A 206 10.37 10.81 8.93
C LEU A 206 11.59 10.08 8.40
N LEU A 207 11.40 9.19 7.43
CA LEU A 207 12.49 8.40 6.89
C LEU A 207 12.16 8.05 5.45
N CYS A 208 13.11 8.23 4.55
CA CYS A 208 12.97 7.78 3.18
C CYS A 208 14.18 6.95 2.81
N THR A 209 13.96 5.69 2.42
CA THR A 209 15.06 4.77 2.12
C THR A 209 14.91 4.26 0.68
N ALA A 210 15.96 4.43 -0.12
CA ALA A 210 16.00 3.84 -1.46
C ALA A 210 16.85 2.57 -1.41
N TYR A 211 16.33 1.48 -1.96
CA TYR A 211 17.07 0.23 -1.99
C TYR A 211 17.46 -0.12 -3.42
N VAL A 212 18.72 -0.53 -3.60
CA VAL A 212 19.22 -1.08 -4.86
C VAL A 212 19.81 -2.45 -4.54
N PHE A 213 19.91 -3.31 -5.57
CA PHE A 213 20.12 -4.73 -5.32
C PHE A 213 21.13 -5.37 -6.26
N GLU A 214 21.98 -6.21 -5.69
CA GLU A 214 22.75 -7.20 -6.43
C GLU A 214 22.49 -8.56 -5.81
N VAL A 215 22.97 -9.65 -6.43
CA VAL A 215 22.88 -10.93 -5.75
C VAL A 215 24.20 -11.19 -5.06
N SER A 216 24.14 -11.90 -3.94
CA SER A 216 25.32 -12.38 -3.24
C SER A 216 25.67 -13.77 -3.78
N THR A 217 26.59 -14.48 -3.12
CA THR A 217 27.10 -15.76 -3.64
C THR A 217 26.96 -16.88 -2.62
N SER A 218 25.79 -16.99 -1.98
CA SER A 218 25.46 -18.15 -1.15
C SER A 218 26.48 -18.43 -0.04
N GLU A 219 27.72 -18.78 -0.40
CA GLU A 219 28.77 -18.85 0.61
C GLU A 219 28.77 -17.59 1.45
N ARG A 220 28.65 -16.44 0.80
CA ARG A 220 28.36 -15.18 1.45
C ARG A 220 26.85 -15.04 1.54
N GLY A 221 26.34 -14.94 2.76
CA GLY A 221 24.93 -14.69 2.91
C GLY A 221 24.61 -13.27 2.49
N ALA A 222 23.51 -12.74 3.00
CA ALA A 222 23.09 -11.40 2.66
C ALA A 222 23.97 -10.35 3.34
N GLN A 223 24.19 -9.25 2.65
CA GLN A 223 24.92 -8.14 3.22
C GLN A 223 24.32 -6.86 2.66
N HIS A 224 24.70 -5.74 3.26
CA HIS A 224 24.14 -4.46 2.87
C HIS A 224 25.19 -3.39 3.15
N HIS A 225 24.99 -2.21 2.56
CA HIS A 225 25.81 -1.06 2.87
C HIS A 225 24.91 0.15 2.87
N ILE A 226 24.95 0.95 3.94
CA ILE A 226 24.07 2.11 4.09
C ILE A 226 24.83 3.40 3.81
N TYR A 227 24.22 4.29 3.03
CA TYR A 227 24.75 5.59 2.69
C TYR A 227 23.74 6.67 3.03
N ARG A 228 24.23 7.87 3.38
CA ARG A 228 23.37 9.04 3.42
C ARG A 228 23.20 9.59 2.01
N LEU A 229 21.97 9.98 1.66
CA LEU A 229 21.70 10.63 0.37
C LEU A 229 21.77 12.15 0.55
N VAL A 230 22.67 12.79 -0.20
CA VAL A 230 22.94 14.21 -0.01
C VAL A 230 22.68 14.99 -1.29
N ARG A 231 22.98 16.28 -1.28
CA ARG A 231 22.71 17.09 -2.45
C ARG A 231 23.54 18.35 -2.43
N ASP A 232 24.56 18.39 -3.28
CA ASP A 232 25.42 19.57 -3.43
C ASP A 232 24.69 20.66 -4.16
N GLY B 7 -29.42 0.17 1.21
CA GLY B 7 -28.15 0.70 0.78
C GLY B 7 -26.97 -0.18 1.15
N LEU B 8 -25.80 0.42 1.20
CA LEU B 8 -24.54 -0.32 1.35
C LEU B 8 -24.25 -0.53 2.84
N GLY B 9 -24.45 -1.74 3.32
CA GLY B 9 -24.18 -2.07 4.70
C GLY B 9 -24.89 -3.35 5.10
N THR B 10 -24.63 -3.75 6.35
CA THR B 10 -25.20 -4.94 6.96
C THR B 10 -25.79 -4.55 8.33
N ALA B 11 -26.41 -5.51 9.02
CA ALA B 11 -26.84 -5.26 10.39
C ALA B 11 -25.67 -4.92 11.31
N ARG B 12 -24.44 -5.23 10.90
CA ARG B 12 -23.30 -4.97 11.75
C ARG B 12 -22.60 -3.67 11.47
N LEU B 13 -22.63 -3.20 10.21
CA LEU B 13 -21.82 -2.06 9.80
C LEU B 13 -22.44 -1.44 8.56
N GLN B 14 -22.64 -0.11 8.59
CA GLN B 14 -23.19 0.59 7.45
CA GLN B 14 -23.22 0.62 7.47
C GLN B 14 -22.29 1.76 7.06
N LEU B 15 -22.13 1.94 5.75
CA LEU B 15 -21.53 3.17 5.25
C LEU B 15 -22.52 4.31 5.39
N VAL B 16 -22.07 5.45 5.92
CA VAL B 16 -22.90 6.63 5.96
C VAL B 16 -22.44 7.69 4.96
N GLU B 17 -21.16 7.72 4.60
CA GLU B 17 -20.71 8.62 3.55
C GLU B 17 -19.37 8.17 3.02
N PHE B 18 -19.14 8.43 1.74
CA PHE B 18 -17.86 8.18 1.10
C PHE B 18 -17.66 9.26 0.05
N SER B 19 -16.46 9.81 0.00
CA SER B 19 -16.13 10.75 -1.05
C SER B 19 -14.63 10.67 -1.34
N ALA B 20 -14.28 11.00 -2.58
CA ALA B 20 -12.91 11.23 -3.00
C ALA B 20 -12.90 12.59 -3.66
N PHE B 21 -11.95 13.43 -3.28
CA PHE B 21 -12.06 14.84 -3.62
C PHE B 21 -10.69 15.44 -3.88
N VAL B 22 -10.69 16.69 -4.32
CA VAL B 22 -9.50 17.53 -4.38
C VAL B 22 -9.89 18.93 -3.97
N GLU B 23 -9.01 19.59 -3.22
CA GLU B 23 -9.17 20.98 -2.86
C GLU B 23 -7.91 21.74 -3.24
N PRO B 24 -8.04 23.00 -3.63
CA PRO B 24 -6.88 23.72 -4.19
C PRO B 24 -5.94 24.17 -3.10
N PRO B 25 -4.72 24.60 -3.47
CA PRO B 25 -3.75 25.22 -2.56
C PRO B 25 -3.96 26.74 -2.42
N GLN B 32 -13.34 25.93 -1.23
CA GLN B 32 -14.23 24.82 -1.55
C GLN B 32 -13.41 23.59 -1.98
N ARG B 33 -14.09 22.52 -2.38
CA ARG B 33 -13.41 21.34 -2.88
C ARG B 33 -14.30 20.63 -3.90
N HIS B 34 -13.65 19.85 -4.76
CA HIS B 34 -14.31 19.17 -5.87
C HIS B 34 -14.35 17.67 -5.61
N LEU B 35 -15.52 17.08 -5.76
CA LEU B 35 -15.75 15.67 -5.46
C LEU B 35 -15.72 14.86 -6.75
N PHE B 36 -14.82 13.87 -6.80
CA PHE B 36 -14.74 12.97 -7.96
C PHE B 36 -15.89 11.98 -7.96
N VAL B 37 -16.18 11.44 -6.78
CA VAL B 37 -17.27 10.52 -6.53
C VAL B 37 -17.75 10.81 -5.11
N HIS B 38 -18.99 10.41 -4.81
CA HIS B 38 -19.59 10.75 -3.52
C HIS B 38 -20.79 9.85 -3.29
N ILE B 39 -20.81 9.18 -2.12
CA ILE B 39 -21.96 8.45 -1.62
C ILE B 39 -22.33 9.05 -0.28
N SER B 40 -23.58 9.47 -0.13
CA SER B 40 -24.09 9.95 1.15
C SER B 40 -25.31 9.13 1.53
N GLN B 41 -25.32 8.64 2.77
CA GLN B 41 -26.44 7.82 3.26
C GLN B 41 -26.82 8.19 4.70
N PRO B 50 -35.08 -1.39 -2.55
CA PRO B 50 -34.61 -2.75 -2.82
C PRO B 50 -33.41 -2.81 -3.77
N LEU B 51 -32.19 -2.98 -3.24
CA LEU B 51 -30.99 -2.97 -4.09
C LEU B 51 -31.08 -4.03 -5.19
N GLU B 52 -30.76 -3.62 -6.41
CA GLU B 52 -30.58 -4.59 -7.49
C GLU B 52 -29.36 -5.46 -7.21
N SER B 53 -29.31 -6.62 -7.84
CA SER B 53 -28.26 -7.60 -7.63
C SER B 53 -27.50 -7.87 -8.92
N VAL B 54 -26.21 -8.23 -8.77
CA VAL B 54 -25.34 -8.60 -9.87
C VAL B 54 -24.59 -9.88 -9.48
N ASP B 55 -24.44 -10.79 -10.44
CA ASP B 55 -23.77 -12.06 -10.14
C ASP B 55 -22.26 -11.84 -10.11
N VAL B 56 -21.63 -12.19 -8.98
CA VAL B 56 -20.21 -11.93 -8.78
C VAL B 56 -19.35 -12.67 -9.81
N ARG B 57 -19.89 -13.70 -10.45
CA ARG B 57 -19.18 -14.38 -11.53
C ARG B 57 -18.82 -13.39 -12.64
N GLN B 58 -19.65 -12.36 -12.82
CA GLN B 58 -19.43 -11.37 -13.87
C GLN B 58 -18.10 -10.63 -13.71
N ILE B 59 -17.64 -10.45 -12.46
CA ILE B 59 -16.54 -9.56 -12.14
C ILE B 59 -15.35 -10.29 -11.53
N TYR B 60 -15.31 -11.61 -11.62
CA TYR B 60 -14.14 -12.33 -11.13
C TYR B 60 -12.88 -11.85 -11.83
N ASP B 61 -12.95 -11.70 -13.15
CA ASP B 61 -11.82 -11.37 -14.03
C ASP B 61 -11.28 -9.96 -13.81
N LYS B 62 -11.95 -9.13 -13.01
CA LYS B 62 -11.57 -7.74 -12.85
C LYS B 62 -10.80 -7.49 -11.55
N PHE B 63 -10.54 -8.53 -10.78
CA PHE B 63 -9.79 -8.41 -9.53
C PHE B 63 -8.80 -9.56 -9.45
N PRO B 64 -7.85 -9.52 -8.52
CA PRO B 64 -6.88 -10.63 -8.42
C PRO B 64 -7.60 -11.94 -8.20
N GLU B 65 -7.42 -12.87 -9.15
CA GLU B 65 -7.83 -14.23 -8.88
C GLU B 65 -6.87 -14.94 -7.95
N LYS B 66 -5.83 -14.24 -7.49
CA LYS B 66 -4.94 -14.69 -6.44
C LYS B 66 -5.73 -15.07 -5.18
N LYS B 67 -5.03 -15.60 -4.18
CA LYS B 67 -5.61 -15.64 -2.85
C LYS B 67 -5.95 -14.21 -2.43
N GLY B 68 -7.05 -14.06 -1.70
CA GLY B 68 -7.52 -12.75 -1.31
C GLY B 68 -8.24 -11.99 -2.42
N GLY B 69 -8.56 -12.65 -3.53
CA GLY B 69 -9.35 -12.03 -4.58
C GLY B 69 -10.84 -12.23 -4.36
N LEU B 70 -11.62 -11.57 -5.23
CA LEU B 70 -13.07 -11.68 -5.14
C LEU B 70 -13.52 -13.13 -5.12
N ARG B 71 -12.97 -13.94 -6.03
CA ARG B 71 -13.38 -15.34 -6.11
C ARG B 71 -13.26 -16.04 -4.77
N GLU B 72 -12.17 -15.80 -4.05
CA GLU B 72 -11.94 -16.50 -2.79
C GLU B 72 -12.64 -15.83 -1.62
N LEU B 73 -12.63 -14.49 -1.56
CA LEU B 73 -13.30 -13.79 -0.48
C LEU B 73 -14.77 -14.20 -0.38
N TYR B 74 -15.44 -14.27 -1.52
CA TYR B 74 -16.87 -14.58 -1.52
C TYR B 74 -17.14 -15.99 -1.04
N ASP B 75 -16.25 -16.94 -1.38
CA ASP B 75 -16.47 -18.33 -1.03
C ASP B 75 -16.55 -18.52 0.49
N ARG B 76 -15.60 -17.93 1.22
CA ARG B 76 -15.76 -17.84 2.67
C ARG B 76 -17.10 -17.23 3.02
N GLY B 77 -17.33 -16.01 2.56
CA GLY B 77 -18.55 -15.33 2.87
C GLY B 77 -18.36 -14.43 4.07
N PRO B 78 -19.47 -14.03 4.68
CA PRO B 78 -20.85 -14.33 4.31
C PRO B 78 -21.20 -13.63 3.01
N PRO B 79 -22.05 -14.21 2.16
CA PRO B 79 -22.31 -13.56 0.86
C PRO B 79 -23.07 -12.25 0.97
N HIS B 80 -23.81 -12.02 2.06
CA HIS B 80 -24.57 -10.77 2.22
C HIS B 80 -23.70 -9.58 2.56
N ALA B 81 -22.41 -9.76 2.80
CA ALA B 81 -21.50 -8.64 3.00
C ALA B 81 -20.97 -8.03 1.69
N PHE B 82 -21.31 -8.60 0.55
CA PHE B 82 -20.62 -8.27 -0.71
C PHE B 82 -21.45 -7.36 -1.61
N PHE B 83 -20.86 -6.22 -2.00
CA PHE B 83 -21.52 -5.20 -2.81
C PHE B 83 -20.64 -4.77 -3.97
N LEU B 84 -21.29 -4.35 -5.06
CA LEU B 84 -20.62 -3.71 -6.19
C LEU B 84 -21.16 -2.29 -6.34
N VAL B 85 -20.26 -1.31 -6.46
CA VAL B 85 -20.59 0.08 -6.72
C VAL B 85 -20.05 0.49 -8.10
N LYS B 86 -20.92 1.02 -8.95
CA LYS B 86 -20.51 1.62 -10.23
C LYS B 86 -20.54 3.14 -10.05
N PHE B 87 -19.40 3.79 -10.30
CA PHE B 87 -19.24 5.24 -10.19
C PHE B 87 -19.14 5.84 -11.59
N TRP B 88 -19.88 6.92 -11.82
CA TRP B 88 -19.59 7.84 -12.93
C TRP B 88 -18.93 9.07 -12.31
N ALA B 89 -17.61 9.17 -12.47
CA ALA B 89 -16.81 10.18 -11.80
C ALA B 89 -16.83 11.52 -12.54
N ASP B 90 -16.71 12.59 -11.77
CA ASP B 90 -16.62 13.95 -12.28
C ASP B 90 -15.14 14.34 -12.37
N LEU B 91 -14.61 14.41 -13.59
CA LEU B 91 -13.18 14.64 -13.80
C LEU B 91 -12.86 15.94 -14.52
N ASN B 92 -13.39 17.08 -14.08
CA ASN B 92 -12.96 18.39 -14.56
C ASN B 92 -12.94 19.38 -13.41
N TRP B 93 -11.78 19.99 -13.19
CA TRP B 93 -11.58 20.97 -12.12
C TRP B 93 -10.39 21.88 -12.44
N SER B 108 -3.53 21.62 -11.42
CA SER B 108 -2.29 20.96 -11.02
C SER B 108 -1.89 21.41 -9.61
N GLY B 109 -1.70 20.44 -8.72
CA GLY B 109 -1.51 20.71 -7.32
C GLY B 109 -2.80 20.50 -6.53
N GLY B 110 -2.73 20.79 -5.24
CA GLY B 110 -3.86 20.67 -4.35
C GLY B 110 -3.77 19.44 -3.46
N PHE B 111 -4.69 19.36 -2.51
CA PHE B 111 -4.78 18.22 -1.60
C PHE B 111 -5.80 17.23 -2.16
N TYR B 112 -5.36 16.03 -2.48
CA TYR B 112 -6.22 14.94 -2.93
C TYR B 112 -6.48 14.04 -1.74
N GLY B 113 -7.76 13.82 -1.44
CA GLY B 113 -8.12 13.09 -0.24
C GLY B 113 -9.28 12.13 -0.46
N VAL B 114 -9.36 11.18 0.47
CA VAL B 114 -10.46 10.24 0.56
C VAL B 114 -11.05 10.35 1.97
N SER B 115 -12.37 10.44 2.05
CA SER B 115 -13.09 10.53 3.32
C SER B 115 -14.10 9.41 3.36
N SER B 116 -14.18 8.68 4.48
CA SER B 116 -15.17 7.62 4.63
C SER B 116 -15.68 7.56 6.06
N GLN B 117 -16.95 7.21 6.22
CA GLN B 117 -17.52 7.11 7.55
C GLN B 117 -18.45 5.91 7.59
N TYR B 118 -18.31 5.12 8.65
CA TYR B 118 -19.15 3.96 8.92
C TYR B 118 -19.77 4.15 10.30
N GLU B 119 -20.81 3.37 10.56
CA GLU B 119 -21.45 3.36 11.87
C GLU B 119 -21.87 1.94 12.21
N SER B 120 -22.01 1.70 13.52
CA SER B 120 -22.42 0.42 14.04
C SER B 120 -23.06 0.63 15.41
N LEU B 121 -23.86 -0.35 15.80
CA LEU B 121 -24.34 -0.44 17.18
C LEU B 121 -23.40 -1.23 18.08
N GLU B 122 -22.47 -2.01 17.53
CA GLU B 122 -21.47 -2.69 18.35
C GLU B 122 -20.16 -1.91 18.35
N HIS B 123 -19.46 -1.98 19.48
CA HIS B 123 -18.13 -1.39 19.58
C HIS B 123 -17.10 -2.33 18.97
N MET B 124 -16.34 -1.82 18.00
CA MET B 124 -15.41 -2.61 17.21
C MET B 124 -14.16 -1.78 16.93
N THR B 125 -13.09 -2.49 16.57
CA THR B 125 -11.96 -1.91 15.85
C THR B 125 -11.97 -2.48 14.44
N LEU B 126 -11.99 -1.60 13.44
CA LEU B 126 -12.05 -2.03 12.04
C LEU B 126 -10.64 -2.08 11.43
N THR B 127 -10.44 -3.04 10.54
CA THR B 127 -9.33 -3.04 9.60
C THR B 127 -9.91 -2.84 8.21
N CYS B 128 -9.49 -1.77 7.54
CA CYS B 128 -9.99 -1.44 6.20
C CYS B 128 -8.85 -1.61 5.20
N SER B 129 -8.93 -2.66 4.39
CA SER B 129 -7.98 -2.91 3.32
C SER B 129 -8.56 -2.44 1.99
N SER B 130 -7.81 -1.61 1.27
CA SER B 130 -8.17 -1.16 -0.07
C SER B 130 -7.13 -1.66 -1.05
N LYS B 131 -7.58 -2.12 -2.21
CA LYS B 131 -6.68 -2.59 -3.26
C LYS B 131 -7.07 -1.95 -4.59
N VAL B 132 -6.12 -1.27 -5.22
CA VAL B 132 -6.30 -0.76 -6.58
C VAL B 132 -5.76 -1.80 -7.54
N CYS B 133 -6.59 -2.20 -8.50
CA CYS B 133 -6.19 -3.18 -9.52
C CYS B 133 -6.21 -2.53 -10.90
N SER B 134 -5.19 -2.86 -11.69
CA SER B 134 -5.06 -2.40 -13.05
C SER B 134 -4.86 -3.63 -13.92
N PHE B 135 -5.77 -3.83 -14.87
CA PHE B 135 -5.77 -5.02 -15.73
C PHE B 135 -5.78 -6.31 -14.90
N GLY B 136 -6.50 -6.29 -13.77
CA GLY B 136 -6.61 -7.45 -12.92
C GLY B 136 -5.49 -7.63 -11.92
N LYS B 137 -4.32 -7.06 -12.18
CA LYS B 137 -3.23 -7.11 -11.23
C LYS B 137 -3.41 -6.03 -10.16
N GLN B 138 -3.12 -6.39 -8.91
CA GLN B 138 -3.16 -5.42 -7.83
C GLN B 138 -1.90 -4.55 -7.90
N VAL B 139 -2.07 -3.25 -8.05
CA VAL B 139 -0.96 -2.31 -8.12
C VAL B 139 -0.82 -1.47 -6.85
N VAL B 140 -1.83 -1.45 -5.98
CA VAL B 140 -1.68 -0.79 -4.69
C VAL B 140 -2.47 -1.57 -3.66
N GLU B 141 -1.91 -1.69 -2.45
CA GLU B 141 -2.68 -2.09 -1.29
C GLU B 141 -2.49 -1.09 -0.16
N LYS B 142 -3.58 -0.64 0.43
CA LYS B 142 -3.54 0.26 1.57
C LYS B 142 -4.32 -0.39 2.69
N VAL B 143 -3.68 -0.55 3.85
CA VAL B 143 -4.36 -1.06 5.05
C VAL B 143 -4.39 0.04 6.10
N GLU B 144 -5.59 0.27 6.65
CA GLU B 144 -5.81 1.23 7.72
C GLU B 144 -6.64 0.60 8.83
N THR B 145 -6.52 1.17 10.02
CA THR B 145 -7.22 0.72 11.21
C THR B 145 -7.94 1.90 11.84
N GLU B 146 -9.19 1.70 12.24
CA GLU B 146 -9.96 2.75 12.92
C GLU B 146 -10.78 2.16 14.05
N ARG B 147 -10.64 2.77 15.23
CA ARG B 147 -11.38 2.37 16.42
C ARG B 147 -12.72 3.10 16.48
N ALA B 148 -13.69 2.49 17.16
CA ALA B 148 -15.01 3.09 17.26
C ALA B 148 -14.98 4.34 18.12
N GLN B 149 -15.84 5.30 17.80
CA GLN B 149 -16.02 6.51 18.60
C GLN B 149 -17.50 6.66 18.91
N LEU B 150 -17.85 6.75 20.19
CA LEU B 150 -19.25 6.85 20.59
C LEU B 150 -19.81 8.23 20.29
N GLU B 151 -20.93 8.27 19.57
CA GLU B 151 -21.56 9.54 19.21
C GLU B 151 -23.04 9.31 18.95
N ASP B 152 -23.89 10.00 19.71
CA ASP B 152 -25.32 10.05 19.41
C ASP B 152 -25.97 8.66 19.57
N GLY B 153 -25.58 7.94 20.62
CA GLY B 153 -26.14 6.62 20.87
C GLY B 153 -25.69 5.52 19.93
N ARG B 154 -24.78 5.79 19.00
CA ARG B 154 -24.22 4.78 18.12
C ARG B 154 -22.71 4.93 18.04
N PHE B 155 -22.04 3.96 17.41
CA PHE B 155 -20.60 4.03 17.20
C PHE B 155 -20.32 4.44 15.76
N VAL B 156 -19.47 5.44 15.58
CA VAL B 156 -19.06 5.92 14.26
C VAL B 156 -17.59 5.63 14.04
N TYR B 157 -17.22 5.41 12.79
CA TYR B 157 -15.83 5.16 12.40
C TYR B 157 -15.51 6.14 11.28
N ARG B 158 -14.73 7.18 11.60
CA ARG B 158 -14.44 8.27 10.66
C ARG B 158 -12.99 8.15 10.20
N LEU B 159 -12.81 7.82 8.92
CA LEU B 159 -11.52 7.92 8.25
C LEU B 159 -11.61 9.13 7.33
N LEU B 160 -11.34 10.31 7.88
CA LEU B 160 -11.59 11.57 7.20
C LEU B 160 -10.28 12.14 6.64
N ARG B 161 -10.34 12.63 5.39
CA ARG B 161 -9.23 13.37 4.76
C ARG B 161 -7.93 12.56 4.69
N SER B 162 -8.06 11.25 4.44
CA SER B 162 -6.88 10.41 4.25
C SER B 162 -6.18 10.80 2.96
N PRO B 163 -4.88 11.14 2.99
CA PRO B 163 -4.19 11.48 1.74
C PRO B 163 -4.32 10.35 0.72
N MET B 164 -4.79 10.70 -0.46
CA MET B 164 -4.91 9.74 -1.55
C MET B 164 -3.50 9.31 -1.97
N CYS B 165 -3.34 8.02 -2.29
CA CYS B 165 -2.00 7.55 -2.59
C CYS B 165 -1.50 8.12 -3.91
N GLU B 166 -0.16 8.18 -4.04
CA GLU B 166 0.45 8.87 -5.17
C GLU B 166 0.07 8.22 -6.49
N TYR B 167 0.00 6.89 -6.54
CA TYR B 167 -0.40 6.24 -7.80
C TYR B 167 -1.70 6.83 -8.31
N LEU B 168 -2.67 7.02 -7.41
CA LEU B 168 -3.98 7.52 -7.80
C LEU B 168 -3.93 9.00 -8.16
N VAL B 169 -3.16 9.79 -7.42
CA VAL B 169 -3.00 11.20 -7.79
C VAL B 169 -2.37 11.30 -9.18
N ASN B 170 -1.30 10.55 -9.43
CA ASN B 170 -0.65 10.62 -10.73
C ASN B 170 -1.56 10.11 -11.83
N PHE B 171 -2.34 9.06 -11.56
CA PHE B 171 -3.29 8.52 -12.53
C PHE B 171 -4.36 9.55 -12.88
N LEU B 172 -4.95 10.19 -11.87
CA LEU B 172 -5.99 11.17 -12.09
C LEU B 172 -5.47 12.38 -12.85
N HIS B 173 -4.21 12.76 -12.61
CA HIS B 173 -3.67 13.91 -13.32
C HIS B 173 -3.59 13.63 -14.81
N LYS B 174 -3.23 12.40 -15.18
CA LYS B 174 -3.21 12.01 -16.58
C LYS B 174 -4.62 11.85 -17.12
N LEU B 175 -5.45 11.06 -16.43
CA LEU B 175 -6.83 10.83 -16.87
C LEU B 175 -7.50 12.13 -17.27
N ARG B 176 -7.23 13.19 -16.50
CA ARG B 176 -7.83 14.51 -16.72
C ARG B 176 -7.39 15.16 -18.02
N GLN B 177 -6.29 14.71 -18.62
CA GLN B 177 -5.79 15.35 -19.84
C GLN B 177 -6.51 14.82 -21.08
N LEU B 178 -7.10 13.64 -21.01
CA LEU B 178 -7.63 12.98 -22.20
C LEU B 178 -8.67 13.87 -22.88
N PRO B 179 -8.71 13.91 -24.21
CA PRO B 179 -9.58 14.86 -24.91
C PRO B 179 -11.06 14.51 -24.87
N GLU B 180 -11.43 13.24 -24.76
CA GLU B 180 -12.80 12.80 -24.92
C GLU B 180 -13.17 11.86 -23.79
N ARG B 181 -14.44 11.93 -23.42
CA ARG B 181 -14.95 11.12 -22.32
C ARG B 181 -14.88 9.64 -22.65
N TYR B 182 -15.11 9.28 -23.93
CA TYR B 182 -15.02 7.88 -24.31
C TYR B 182 -13.59 7.35 -24.15
N MET B 183 -12.59 8.21 -24.27
CA MET B 183 -11.23 7.72 -24.04
C MET B 183 -10.97 7.51 -22.55
N MET B 184 -11.48 8.40 -21.70
CA MET B 184 -11.43 8.16 -20.25
C MET B 184 -12.10 6.83 -19.88
N ASN B 185 -13.27 6.57 -20.47
CA ASN B 185 -13.96 5.32 -20.18
C ASN B 185 -13.18 4.11 -20.69
N SER B 186 -12.56 4.20 -21.89
CA SER B 186 -11.69 3.10 -22.31
C SER B 186 -10.58 2.85 -21.31
N VAL B 187 -9.92 3.92 -20.86
CA VAL B 187 -8.84 3.70 -19.90
C VAL B 187 -9.39 3.14 -18.60
N LEU B 188 -10.56 3.61 -18.15
CA LEU B 188 -11.11 3.20 -16.85
C LEU B 188 -11.69 1.79 -16.85
N GLU B 189 -12.05 1.26 -18.01
CA GLU B 189 -12.49 -0.11 -18.20
C GLU B 189 -11.60 -1.12 -17.47
N ASN B 190 -10.31 -0.83 -17.38
CA ASN B 190 -9.32 -1.75 -16.82
C ASN B 190 -8.89 -1.40 -15.40
N PHE B 191 -9.67 -0.56 -14.72
CA PHE B 191 -9.26 -0.04 -13.42
C PHE B 191 -10.37 -0.33 -12.42
N THR B 192 -10.02 -0.97 -11.31
CA THR B 192 -11.01 -1.34 -10.32
C THR B 192 -10.40 -1.20 -8.93
N ILE B 193 -11.28 -1.10 -7.94
CA ILE B 193 -10.88 -0.99 -6.54
C ILE B 193 -11.66 -2.02 -5.75
N LEU B 194 -11.02 -2.62 -4.75
CA LEU B 194 -11.67 -3.59 -3.87
C LEU B 194 -11.39 -3.19 -2.43
N GLN B 195 -12.45 -2.97 -1.65
CA GLN B 195 -12.32 -2.61 -0.24
C GLN B 195 -12.90 -3.73 0.62
N VAL B 196 -12.10 -4.20 1.56
CA VAL B 196 -12.47 -5.25 2.51
C VAL B 196 -12.38 -4.64 3.91
N VAL B 197 -13.49 -4.66 4.63
CA VAL B 197 -13.57 -4.15 6.00
C VAL B 197 -13.82 -5.34 6.90
N THR B 198 -12.95 -5.51 7.88
CA THR B 198 -12.95 -6.69 8.72
C THR B 198 -12.93 -6.26 10.18
N ASN B 199 -13.58 -7.05 11.02
CA ASN B 199 -13.45 -6.86 12.45
C ASN B 199 -12.02 -7.20 12.87
N ARG B 200 -11.22 -6.18 13.19
CA ARG B 200 -9.83 -6.39 13.60
C ARG B 200 -9.70 -7.51 14.62
N ASP B 201 -10.47 -7.43 15.72
CA ASP B 201 -10.22 -8.32 16.85
C ASP B 201 -10.61 -9.77 16.53
N THR B 202 -11.57 -9.98 15.64
CA THR B 202 -12.10 -11.31 15.41
C THR B 202 -11.81 -11.85 14.03
N GLN B 203 -11.27 -11.03 13.12
CA GLN B 203 -10.99 -11.39 11.74
C GLN B 203 -12.25 -11.71 10.94
N GLU B 204 -13.41 -11.27 11.40
CA GLU B 204 -14.65 -11.46 10.65
C GLU B 204 -14.76 -10.43 9.54
N LEU B 205 -15.23 -10.88 8.37
CA LEU B 205 -15.56 -9.96 7.28
C LEU B 205 -16.82 -9.18 7.61
N LEU B 206 -16.71 -7.86 7.68
CA LEU B 206 -17.88 -7.02 7.86
C LEU B 206 -18.45 -6.53 6.54
N LEU B 207 -17.61 -6.06 5.63
CA LEU B 207 -18.08 -5.51 4.35
C LEU B 207 -17.02 -5.72 3.29
N CYS B 208 -17.44 -6.11 2.09
CA CYS B 208 -16.55 -6.19 0.94
C CYS B 208 -17.22 -5.51 -0.23
N THR B 209 -16.61 -4.43 -0.74
CA THR B 209 -17.16 -3.62 -1.81
C THR B 209 -16.22 -3.54 -3.01
N ALA B 210 -16.73 -3.88 -4.18
CA ALA B 210 -15.99 -3.74 -5.42
C ALA B 210 -16.46 -2.48 -6.16
N TYR B 211 -15.51 -1.70 -6.68
CA TYR B 211 -15.82 -0.45 -7.39
C TYR B 211 -15.35 -0.54 -8.85
N VAL B 212 -16.23 -0.16 -9.77
CA VAL B 212 -15.91 -0.03 -11.19
C VAL B 212 -16.27 1.38 -11.60
N PHE B 213 -15.65 1.85 -12.69
CA PHE B 213 -15.58 3.29 -12.97
C PHE B 213 -15.82 3.63 -14.44
N GLU B 214 -16.69 4.60 -14.66
CA GLU B 214 -16.81 5.35 -15.89
C GLU B 214 -16.73 6.83 -15.53
N VAL B 215 -16.85 7.68 -16.54
CA VAL B 215 -16.78 9.12 -16.32
C VAL B 215 -18.15 9.71 -16.61
N SER B 216 -18.53 10.73 -15.84
CA SER B 216 -19.75 11.47 -16.09
C SER B 216 -19.44 12.72 -16.92
N THR B 217 -20.47 13.48 -17.23
CA THR B 217 -20.30 14.80 -17.83
C THR B 217 -20.39 15.88 -16.75
N SER B 218 -20.03 17.10 -17.16
CA SER B 218 -20.22 18.25 -16.29
C SER B 218 -21.69 18.38 -15.89
N GLU B 219 -22.59 18.28 -16.86
CA GLU B 219 -24.01 18.49 -16.61
C GLU B 219 -24.56 17.52 -15.58
N ARG B 220 -24.30 16.22 -15.76
CA ARG B 220 -24.88 15.20 -14.89
C ARG B 220 -24.25 15.21 -13.51
N GLY B 221 -22.97 15.52 -13.40
CA GLY B 221 -22.26 15.38 -12.14
C GLY B 221 -22.04 13.91 -11.78
N ALA B 222 -21.26 13.70 -10.72
CA ALA B 222 -20.99 12.35 -10.25
C ALA B 222 -22.29 11.62 -9.90
N GLN B 223 -22.28 10.31 -10.12
CA GLN B 223 -23.40 9.46 -9.73
CA GLN B 223 -23.42 9.45 -9.84
C GLN B 223 -22.87 8.06 -9.47
N HIS B 224 -23.71 7.25 -8.85
CA HIS B 224 -23.30 5.92 -8.45
C HIS B 224 -24.51 5.00 -8.49
N HIS B 225 -24.23 3.70 -8.55
CA HIS B 225 -25.28 2.69 -8.50
C HIS B 225 -24.74 1.55 -7.64
N ILE B 226 -25.42 1.28 -6.56
CA ILE B 226 -25.03 0.23 -5.63
C ILE B 226 -25.81 -1.03 -5.95
N TYR B 227 -25.12 -2.16 -5.96
CA TYR B 227 -25.75 -3.45 -6.20
C TYR B 227 -25.30 -4.44 -5.13
N ARG B 228 -26.10 -5.47 -4.95
CA ARG B 228 -25.73 -6.63 -4.15
CA ARG B 228 -25.70 -6.61 -4.14
C ARG B 228 -25.02 -7.64 -5.03
N LEU B 229 -23.96 -8.24 -4.52
CA LEU B 229 -23.25 -9.29 -5.26
C LEU B 229 -23.79 -10.66 -4.82
N VAL B 230 -24.27 -11.46 -5.77
CA VAL B 230 -24.88 -12.75 -5.47
C VAL B 230 -24.28 -13.82 -6.38
N ARG B 231 -24.61 -15.07 -6.09
CA ARG B 231 -24.24 -16.20 -6.94
C ARG B 231 -25.40 -17.17 -7.14
#